data_5XI1
#
_entry.id   5XI1
#
loop_
_entity.id
_entity.type
_entity.pdbx_description
1 polymer "RNA (5'-R(P*CP*CP*GP*CP*AP*GP*CP*GP*G)-3')"
2 non-polymer 3,5,7-TRIHYDROXY-2-(3,4,5-TRIHYDROXYPHENYL)-4H-CHROMEN-4-ONE
#
_entity_poly.entity_id   1
_entity_poly.type   'polyribonucleotide'
_entity_poly.pdbx_seq_one_letter_code
;CCGCAGCGG
;
_entity_poly.pdbx_strand_id   S,A
#
loop_
_chem_comp.id
_chem_comp.type
_chem_comp.name
_chem_comp.formula
A RNA linking ADENOSINE-5'-MONOPHOSPHATE 'C10 H14 N5 O7 P'
C RNA linking CYTIDINE-5'-MONOPHOSPHATE 'C9 H14 N3 O8 P'
G RNA linking GUANOSINE-5'-MONOPHOSPHATE 'C10 H14 N5 O8 P'
MYC non-polymer 3,5,7-TRIHYDROXY-2-(3,4,5-TRIHYDROXYPHENYL)-4H-CHROMEN-4-ONE 'C15 H10 O8'
#
# COMPACT_ATOMS: atom_id res chain seq x y z
C1 MYC C . 7.51 -6.05 2.42
C2 MYC C . 7.23 -6.63 1.19
C3 MYC C . 5.97 -7.17 0.98
C4 MYC C . 4.96 -6.94 1.91
C5 MYC C . 5.26 -6.33 3.13
C6 MYC C . 6.58 -6.03 3.44
C9 MYC C . 5.61 -7.89 -0.24
C10 MYC C . 4.20 -8.21 -0.51
C11 MYC C . 3.29 -7.84 0.42
C14 MYC C . 1.82 -7.96 0.33
C15 MYC C . 1.01 -7.43 1.35
C16 MYC C . -0.37 -7.48 1.25
C17 MYC C . -0.98 -8.04 0.15
C18 MYC C . -0.19 -8.61 -0.85
C19 MYC C . 1.19 -8.57 -0.77
O12 MYC C . 3.65 -7.29 1.62
O13 MYC C . 6.40 -8.30 -1.05
O23 MYC C . -0.81 -9.29 -1.88
O24 MYC C . -2.35 -8.10 0.07
O25 MYC C . -1.18 -7.02 2.26
O27 MYC C . 3.96 -8.86 -1.70
O29 MYC C . 6.91 -5.55 4.68
O30 MYC C . 8.21 -6.59 0.21
H1 MYC C . 8.43 -5.48 2.52
H5 MYC C . 4.49 -6.02 3.81
H15 MYC C . 1.42 -6.92 2.20
H19 MYC C . 1.74 -9.01 -1.58
HO3 MYC C . -1.60 -8.82 -2.11
HO4 MYC C . -2.62 -7.66 -0.73
HO5 MYC C . -2.06 -7.02 1.91
HO7 MYC C . 4.88 -8.80 -1.95
HO9 MYC C . 7.72 -5.96 4.97
HO0 MYC C . 8.41 -5.68 0.01
C1 MYC D . -6.94 6.28 -3.67
C2 MYC D . -7.04 6.43 -2.28
C3 MYC D . -5.86 6.52 -1.53
C4 MYC D . -4.63 6.37 -2.16
C5 MYC D . -4.56 6.09 -3.51
C6 MYC D . -5.71 6.07 -4.28
C9 MYC D . -5.84 6.90 -0.11
C10 MYC D . -4.55 7.29 0.52
C11 MYC D . -3.43 7.12 -0.22
C14 MYC D . -2.06 7.55 0.16
C15 MYC D . -1.15 7.93 -0.85
C16 MYC D . 0.09 8.44 -0.54
C17 MYC D . 0.47 8.55 0.79
C18 MYC D . -0.39 8.15 1.80
C19 MYC D . -1.66 7.67 1.49
O12 MYC D . -3.45 6.58 -1.46
O13 MYC D . -6.83 6.98 0.57
O23 MYC D . 0.09 8.25 3.08
O24 MYC D . 1.72 9.04 1.08
O25 MYC D . 0.99 8.85 -1.49
O27 MYC D . -4.61 7.82 1.77
O29 MYC D . -5.61 5.92 -5.66
O30 MYC D . -8.29 6.64 -1.72
H1 MYC D . -7.83 6.42 -4.28
H5 MYC D . -3.57 5.97 -3.93
H15 MYC D . -1.43 7.86 -1.89
H19 MYC D . -2.32 7.36 2.29
HO3 MYC D . 1.04 8.31 3.01
HO4 MYC D . 1.61 9.85 1.58
HO5 MYC D . 1.71 9.25 -1.01
HO7 MYC D . -5.55 7.66 1.79
HO9 MYC D . -4.80 6.32 -5.96
HO0 MYC D . -8.18 6.71 -0.78
C1 MYC C . 7.52 -6.06 2.43
C2 MYC C . 7.25 -6.64 1.21
C3 MYC C . 5.97 -7.17 0.98
C4 MYC C . 4.97 -6.94 1.91
C5 MYC C . 5.26 -6.34 3.14
C6 MYC C . 6.58 -6.03 3.45
C9 MYC C . 5.63 -7.89 -0.24
C10 MYC C . 4.21 -8.20 -0.51
C11 MYC C . 3.30 -7.84 0.43
C14 MYC C . 1.83 -7.96 0.33
C15 MYC C . 1.02 -7.42 1.34
C16 MYC C . -0.36 -7.48 1.25
C17 MYC C . -0.96 -8.03 0.14
C18 MYC C . -0.18 -8.60 -0.86
C19 MYC C . 1.20 -8.56 -0.76
O12 MYC C . 3.66 -7.29 1.62
O13 MYC C . 6.41 -8.30 -1.04
O23 MYC C . -0.80 -9.29 -1.88
O24 MYC C . -2.34 -8.10 0.07
O25 MYC C . -1.18 -7.02 2.26
O27 MYC C . 3.98 -8.85 -1.70
O29 MYC C . 6.91 -5.56 4.70
O30 MYC C . 8.23 -6.59 0.23
H1 MYC C . 8.44 -5.49 2.54
H5 MYC C . 4.49 -6.02 3.81
H15 MYC C . 1.43 -6.92 2.21
H19 MYC C . 1.75 -9.00 -1.58
HO3 MYC C . -1.58 -8.81 -2.12
HO4 MYC C . -2.61 -7.66 -0.73
HO5 MYC C . -2.05 -7.02 1.91
HO7 MYC C . 4.89 -8.78 -1.96
HO9 MYC C . 7.72 -5.96 4.98
HO0 MYC C . 8.42 -5.69 0.02
C1 MYC D . -6.96 6.28 -3.67
C2 MYC D . -7.05 6.44 -2.28
C3 MYC D . -5.88 6.53 -1.53
C4 MYC D . -4.65 6.39 -2.16
C5 MYC D . -4.58 6.09 -3.52
C6 MYC D . -5.73 6.07 -4.29
C9 MYC D . -5.85 6.91 -0.11
C10 MYC D . -4.56 7.30 0.51
C11 MYC D . -3.44 7.13 -0.23
C14 MYC D . -2.06 7.56 0.15
C15 MYC D . -1.16 7.93 -0.86
C16 MYC D . 0.08 8.44 -0.54
C17 MYC D . 0.47 8.55 0.78
C18 MYC D . -0.39 8.14 1.79
C19 MYC D . -1.65 7.67 1.48
O12 MYC D . -3.46 6.60 -1.47
O13 MYC D . -6.84 6.99 0.57
O23 MYC D . 0.08 8.24 3.08
O24 MYC D . 1.72 9.04 1.08
O25 MYC D . 0.99 8.85 -1.49
O27 MYC D . -4.62 7.83 1.76
O29 MYC D . -5.64 5.92 -5.66
O30 MYC D . -8.30 6.64 -1.72
H1 MYC D . -7.85 6.42 -4.27
H5 MYC D . -3.59 5.97 -3.93
H15 MYC D . -1.44 7.88 -1.90
H19 MYC D . -2.32 7.38 2.28
HO3 MYC D . 1.04 8.29 3.02
HO4 MYC D . 1.62 9.84 1.57
HO5 MYC D . 1.71 9.24 -1.02
HO7 MYC D . -5.54 7.61 1.80
HO9 MYC D . -4.82 6.31 -5.97
HO0 MYC D . -8.19 6.71 -0.77
C1 MYC C . 7.53 -6.06 2.44
C2 MYC C . 7.26 -6.63 1.22
C3 MYC C . 5.98 -7.17 0.99
C4 MYC C . 4.98 -6.94 1.92
C5 MYC C . 5.27 -6.34 3.14
C6 MYC C . 6.58 -6.04 3.46
C9 MYC C . 5.64 -7.88 -0.23
C10 MYC C . 4.22 -8.20 -0.51
C11 MYC C . 3.31 -7.84 0.43
C14 MYC C . 1.84 -7.95 0.33
C15 MYC C . 1.03 -7.42 1.34
C16 MYC C . -0.35 -7.48 1.25
C17 MYC C . -0.95 -8.04 0.14
C18 MYC C . -0.17 -8.60 -0.85
C19 MYC C . 1.21 -8.56 -0.77
O12 MYC C . 3.67 -7.29 1.62
O13 MYC C . 6.42 -8.30 -1.04
O23 MYC C . -0.79 -9.28 -1.88
O24 MYC C . -2.33 -8.10 0.07
O25 MYC C . -1.17 -7.03 2.26
O27 MYC C . 3.99 -8.83 -1.70
O29 MYC C . 6.91 -5.56 4.71
O30 MYC C . 8.23 -6.59 0.24
H1 MYC C . 8.45 -5.50 2.56
H5 MYC C . 4.49 -6.02 3.81
H15 MYC C . 1.43 -6.92 2.21
H19 MYC C . 1.76 -8.99 -1.59
HO3 MYC C . -1.57 -8.81 -2.12
HO4 MYC C . -2.60 -7.66 -0.72
HO5 MYC C . -2.04 -7.03 1.91
HO7 MYC C . 4.90 -8.76 -1.96
HO9 MYC C . 7.71 -5.97 5.00
HO0 MYC C . 8.43 -5.68 0.04
C1 MYC D . -6.98 6.28 -3.67
C2 MYC D . -7.07 6.44 -2.29
C3 MYC D . -5.89 6.54 -1.54
C4 MYC D . -4.66 6.40 -2.17
C5 MYC D . -4.60 6.10 -3.53
C6 MYC D . -5.75 6.07 -4.29
C9 MYC D . -5.86 6.92 -0.12
C10 MYC D . -4.57 7.31 0.50
C11 MYC D . -3.45 7.15 -0.23
C14 MYC D . -2.07 7.58 0.15
C15 MYC D . -1.17 7.94 -0.86
C16 MYC D . 0.08 8.44 -0.54
C17 MYC D . 0.46 8.54 0.77
C18 MYC D . -0.39 8.15 1.78
C19 MYC D . -1.66 7.67 1.48
O12 MYC D . -3.48 6.62 -1.48
O13 MYC D . -6.85 6.99 0.57
O23 MYC D . 0.08 8.23 3.07
O24 MYC D . 1.72 9.04 1.08
O25 MYC D . 0.99 8.85 -1.49
O27 MYC D . -4.63 7.83 1.76
O29 MYC D . -5.66 5.91 -5.67
O30 MYC D . -8.32 6.64 -1.71
H1 MYC D . -7.87 6.41 -4.27
H5 MYC D . -3.61 5.98 -3.94
H15 MYC D . -1.44 7.89 -1.91
H19 MYC D . -2.33 7.38 2.27
HO3 MYC D . 1.03 8.29 3.01
HO4 MYC D . 1.62 9.84 1.57
HO5 MYC D . 1.70 9.24 -1.02
HO7 MYC D . -5.54 7.56 1.81
HO9 MYC D . -4.85 6.31 -5.97
HO0 MYC D . -8.21 6.72 -0.77
C1 MYC C . 7.54 -6.07 2.46
C2 MYC C . 7.26 -6.64 1.23
C3 MYC C . 5.99 -7.17 1.00
C4 MYC C . 4.98 -6.94 1.92
C5 MYC C . 5.27 -6.34 3.15
C6 MYC C . 6.59 -6.04 3.47
C9 MYC C . 5.65 -7.88 -0.23
C10 MYC C . 4.23 -8.19 -0.51
C11 MYC C . 3.32 -7.84 0.42
C14 MYC C . 1.84 -7.95 0.33
C15 MYC C . 1.04 -7.42 1.34
C16 MYC C . -0.34 -7.47 1.25
C17 MYC C . -0.94 -8.04 0.14
C18 MYC C . -0.16 -8.60 -0.86
C19 MYC C . 1.22 -8.55 -0.77
O12 MYC C . 3.68 -7.29 1.62
O13 MYC C . 6.43 -8.28 -1.04
O23 MYC C . -0.78 -9.28 -1.89
O24 MYC C . -2.32 -8.10 0.06
O25 MYC C . -1.16 -7.03 2.26
O27 MYC C . 4.00 -8.82 -1.70
O29 MYC C . 6.91 -5.56 4.71
O30 MYC C . 8.24 -6.59 0.26
H1 MYC C . 8.46 -5.50 2.57
H5 MYC C . 4.50 -6.02 3.82
H15 MYC C . 1.44 -6.91 2.20
H19 MYC C . 1.77 -8.99 -1.59
HO3 MYC C . -1.56 -8.81 -2.12
HO4 MYC C . -2.59 -7.66 -0.72
HO5 MYC C . -2.04 -7.04 1.91
HO7 MYC C . 4.91 -8.75 -1.96
HO9 MYC C . 7.71 -5.98 5.02
HO0 MYC C . 8.44 -5.68 0.05
C1 MYC D . -6.99 6.28 -3.66
C2 MYC D . -7.08 6.45 -2.28
C3 MYC D . -5.90 6.55 -1.54
C4 MYC D . -4.68 6.41 -2.18
C5 MYC D . -4.61 6.12 -3.53
C6 MYC D . -5.77 6.07 -4.30
C9 MYC D . -5.87 6.93 -0.12
C10 MYC D . -4.58 7.32 0.50
C11 MYC D . -3.46 7.16 -0.24
C14 MYC D . -2.08 7.58 0.13
C15 MYC D . -1.17 7.95 -0.86
C16 MYC D . 0.07 8.44 -0.55
C17 MYC D . 0.46 8.54 0.77
C18 MYC D . -0.39 8.15 1.78
C19 MYC D . -1.67 7.67 1.47
O12 MYC D . -3.49 6.64 -1.50
O13 MYC D . -6.85 6.99 0.57
O23 MYC D . 0.08 8.22 3.07
O24 MYC D . 1.72 9.03 1.08
O25 MYC D . 0.98 8.85 -1.50
O27 MYC D . -4.63 7.83 1.76
O29 MYC D . -5.68 5.90 -5.66
O30 MYC D . -8.33 6.64 -1.71
H1 MYC D . -7.89 6.40 -4.28
H5 MYC D . -3.63 5.99 -3.95
H15 MYC D . -1.45 7.90 -1.91
H19 MYC D . -2.34 7.38 2.27
HO3 MYC D . 1.02 8.28 3.01
HO4 MYC D . 1.61 9.82 1.58
HO5 MYC D . 1.70 9.24 -1.02
HO7 MYC D . -5.53 7.52 1.81
HO9 MYC D . -4.88 6.30 -5.98
HO0 MYC D . -8.22 6.72 -0.77
C1 MYC C . 7.54 -6.07 2.47
C2 MYC C . 7.27 -6.64 1.24
C3 MYC C . 6.00 -7.17 1.01
C4 MYC C . 4.99 -6.95 1.94
C5 MYC C . 5.28 -6.35 3.15
C6 MYC C . 6.59 -6.06 3.47
C9 MYC C . 5.66 -7.88 -0.22
C10 MYC C . 4.24 -8.19 -0.51
C11 MYC C . 3.33 -7.83 0.43
C14 MYC C . 1.85 -7.95 0.32
C15 MYC C . 1.04 -7.42 1.34
C16 MYC C . -0.34 -7.48 1.24
C17 MYC C . -0.93 -8.04 0.13
C18 MYC C . -0.16 -8.60 -0.86
C19 MYC C . 1.23 -8.55 -0.77
O12 MYC C . 3.68 -7.29 1.62
O13 MYC C . 6.45 -8.27 -1.03
O23 MYC C . -0.77 -9.28 -1.89
O24 MYC C . -2.32 -8.11 0.06
O25 MYC C . -1.15 -7.04 2.26
O27 MYC C . 4.01 -8.81 -1.71
O29 MYC C . 6.92 -5.56 4.72
O30 MYC C . 8.25 -6.59 0.26
H1 MYC C . 8.46 -5.51 2.59
H5 MYC C . 4.50 -6.02 3.83
H15 MYC C . 1.45 -6.91 2.20
H19 MYC C . 1.78 -8.99 -1.60
HO3 MYC C . -1.55 -8.81 -2.12
HO4 MYC C . -2.58 -7.66 -0.72
HO5 MYC C . -2.03 -7.04 1.91
HO7 MYC C . 4.92 -8.73 -1.98
HO9 MYC C . 7.71 -5.98 5.03
HO0 MYC C . 8.45 -5.67 0.07
C1 MYC D . -7.01 6.28 -3.67
C2 MYC D . -7.10 6.45 -2.29
C3 MYC D . -5.91 6.57 -1.54
C4 MYC D . -4.69 6.44 -2.19
C5 MYC D . -4.63 6.13 -3.53
C6 MYC D . -5.79 6.07 -4.30
C9 MYC D . -5.88 6.94 -0.12
C10 MYC D . -4.59 7.32 0.49
C11 MYC D . -3.46 7.18 -0.26
C14 MYC D . -2.09 7.59 0.14
C15 MYC D . -1.18 7.96 -0.87
C16 MYC D . 0.07 8.45 -0.54
C17 MYC D . 0.45 8.54 0.77
C18 MYC D . -0.40 8.14 1.77
C19 MYC D . -1.68 7.67 1.47
O12 MYC D . -3.50 6.67 -1.51
O13 MYC D . -6.86 7.00 0.57
O23 MYC D . 0.08 8.22 3.06
O24 MYC D . 1.71 9.01 1.08
O25 MYC D . 0.98 8.85 -1.50
O27 MYC D . -4.64 7.83 1.75
O29 MYC D . -5.71 5.90 -5.67
O30 MYC D . -8.34 6.64 -1.71
H1 MYC D . -7.91 6.40 -4.27
H5 MYC D . -3.64 6.00 -3.96
H15 MYC D . -1.45 7.91 -1.92
H19 MYC D . -2.35 7.39 2.26
HO3 MYC D . 1.02 8.27 3.00
HO4 MYC D . 1.62 9.81 1.57
HO5 MYC D . 1.71 9.24 -1.01
HO7 MYC D . -5.52 7.48 1.82
HO9 MYC D . -4.91 6.29 -5.98
HO0 MYC D . -8.23 6.72 -0.76
C1 MYC C . 7.55 -6.09 2.48
C2 MYC C . 7.28 -6.64 1.24
C3 MYC C . 6.01 -7.17 1.01
C4 MYC C . 5.00 -6.95 1.94
C5 MYC C . 5.28 -6.35 3.16
C6 MYC C . 6.60 -6.06 3.48
C9 MYC C . 5.67 -7.87 -0.23
C10 MYC C . 4.25 -8.17 -0.51
C11 MYC C . 3.33 -7.82 0.42
C14 MYC C . 1.86 -7.95 0.31
C15 MYC C . 1.05 -7.41 1.33
C16 MYC C . -0.33 -7.48 1.24
C17 MYC C . -0.92 -8.04 0.14
C18 MYC C . -0.15 -8.60 -0.87
C19 MYC C . 1.24 -8.55 -0.78
O12 MYC C . 3.69 -7.29 1.62
O13 MYC C . 6.46 -8.27 -1.03
O23 MYC C . -0.76 -9.28 -1.90
O24 MYC C . -2.31 -8.11 0.06
O25 MYC C . -1.15 -7.04 2.26
O27 MYC C . 4.03 -8.79 -1.71
O29 MYC C . 6.92 -5.57 4.74
O30 MYC C . 8.26 -6.58 0.27
H1 MYC C . 8.47 -5.52 2.60
H5 MYC C . 4.51 -6.02 3.83
H15 MYC C . 1.45 -6.91 2.20
H19 MYC C . 1.80 -8.99 -1.60
HO3 MYC C . -1.55 -8.80 -2.13
HO4 MYC C . -2.58 -7.66 -0.72
HO5 MYC C . -2.02 -7.05 1.91
HO7 MYC C . 4.93 -8.71 -1.97
HO9 MYC C . 7.70 -5.98 5.05
HO0 MYC C . 8.44 -5.68 0.08
C1 MYC D . -7.03 6.28 -3.67
C2 MYC D . -7.11 6.46 -2.29
C3 MYC D . -5.93 6.58 -1.55
C4 MYC D . -4.70 6.45 -2.20
C5 MYC D . -4.65 6.14 -3.54
C6 MYC D . -5.81 6.08 -4.30
C9 MYC D . -5.89 6.95 -0.13
C10 MYC D . -4.60 7.34 0.48
C11 MYC D . -3.47 7.20 -0.26
C14 MYC D . -2.10 7.60 0.13
C15 MYC D . -1.18 7.97 -0.87
C16 MYC D . 0.07 8.45 -0.54
C17 MYC D . 0.45 8.53 0.77
C18 MYC D . -0.41 8.14 1.77
C19 MYC D . -1.69 7.68 1.46
O12 MYC D . -3.51 6.69 -1.52
O13 MYC D . -6.87 7.01 0.57
O23 MYC D . 0.08 8.20 3.07
O24 MYC D . 1.71 9.01 1.08
O25 MYC D . 0.98 8.86 -1.50
O27 MYC D . -4.64 7.82 1.76
O29 MYC D . -5.73 5.89 -5.67
O30 MYC D . -8.35 6.63 -1.70
H1 MYC D . -7.92 6.40 -4.27
H5 MYC D . -3.66 6.02 -3.98
H15 MYC D . -1.46 7.92 -1.92
H19 MYC D . -2.35 7.39 2.26
HO3 MYC D . 1.02 8.26 3.00
HO4 MYC D . 1.62 9.81 1.57
HO5 MYC D . 1.71 9.23 -1.02
HO7 MYC D . -5.51 7.45 1.83
HO9 MYC D . -4.93 6.28 -5.99
HO0 MYC D . -8.24 6.72 -0.77
C1 MYC C . 7.56 -6.09 2.50
C2 MYC C . 7.29 -6.64 1.26
C3 MYC C . 6.02 -7.17 1.01
C4 MYC C . 5.01 -6.96 1.94
C5 MYC C . 5.29 -6.35 3.16
C6 MYC C . 6.60 -6.06 3.49
C9 MYC C . 5.68 -7.87 -0.23
C10 MYC C . 4.26 -8.17 -0.51
C11 MYC C . 3.34 -7.82 0.42
C14 MYC C . 1.87 -7.95 0.31
C15 MYC C . 1.06 -7.41 1.33
C16 MYC C . -0.32 -7.48 1.25
C17 MYC C . -0.92 -8.05 0.13
C18 MYC C . -0.14 -8.60 -0.87
C19 MYC C . 1.25 -8.54 -0.79
O12 MYC C . 3.70 -7.29 1.63
O13 MYC C . 6.47 -8.26 -1.02
O23 MYC C . -0.76 -9.28 -1.90
O24 MYC C . -2.30 -8.12 0.06
O25 MYC C . -1.13 -7.04 2.25
O27 MYC C . 4.04 -8.79 -1.72
O29 MYC C . 6.92 -5.57 4.74
O30 MYC C . 8.27 -6.58 0.28
H1 MYC C . 8.48 -5.53 2.62
H5 MYC C . 4.51 -6.02 3.83
H15 MYC C . 1.46 -6.91 2.20
H19 MYC C . 1.81 -8.98 -1.60
HO3 MYC C . -1.54 -8.80 -2.13
HO4 MYC C . -2.57 -7.66 -0.72
HO5 MYC C . -2.01 -7.05 1.91
HO7 MYC C . 4.94 -8.70 -1.98
HO9 MYC C . 7.71 -5.99 5.06
HO0 MYC C . 8.45 -5.67 0.09
C1 MYC D . -7.05 6.27 -3.67
C2 MYC D . -7.12 6.46 -2.29
C3 MYC D . -5.94 6.59 -1.56
C4 MYC D . -4.71 6.48 -2.20
C5 MYC D . -4.66 6.15 -3.55
C6 MYC D . -5.82 6.08 -4.30
C9 MYC D . -5.90 6.97 -0.14
C10 MYC D . -4.60 7.35 0.49
C11 MYC D . -3.48 7.21 -0.27
C14 MYC D . -2.10 7.62 0.12
C15 MYC D . -1.19 7.98 -0.88
C16 MYC D . 0.07 8.45 -0.54
C17 MYC D . 0.45 8.53 0.77
C18 MYC D . -0.41 8.13 1.77
C19 MYC D . -1.69 7.68 1.46
O12 MYC D . -3.53 6.72 -1.54
O13 MYC D . -6.88 7.02 0.56
O23 MYC D . 0.07 8.19 3.06
O24 MYC D . 1.71 9.00 1.08
O25 MYC D . 0.98 8.86 -1.49
O27 MYC D . -4.65 7.82 1.76
O29 MYC D . -5.75 5.89 -5.67
O30 MYC D . -8.36 6.63 -1.70
H1 MYC D . -7.94 6.38 -4.27
H5 MYC D . -3.68 6.04 -3.99
H15 MYC D . -1.46 7.94 -1.92
H19 MYC D . -2.36 7.39 2.25
HO3 MYC D . 1.01 8.25 2.99
HO4 MYC D . 1.62 9.81 1.57
HO5 MYC D . 1.71 9.23 -1.02
HO7 MYC D . -5.50 7.42 1.84
HO9 MYC D . -4.95 6.27 -6.00
HO0 MYC D . -8.25 6.72 -0.76
C1 MYC C . 7.57 -6.11 2.50
C2 MYC C . 7.30 -6.65 1.27
C3 MYC C . 6.03 -7.17 1.02
C4 MYC C . 5.01 -6.96 1.94
C5 MYC C . 5.29 -6.36 3.17
C6 MYC C . 6.61 -6.07 3.50
C9 MYC C . 5.69 -7.87 -0.22
C10 MYC C . 4.27 -8.17 -0.52
C11 MYC C . 3.35 -7.82 0.42
C14 MYC C . 1.87 -7.94 0.30
C15 MYC C . 1.06 -7.41 1.33
C16 MYC C . -0.32 -7.49 1.23
C17 MYC C . -0.91 -8.04 0.12
C18 MYC C . -0.13 -8.60 -0.88
C19 MYC C . 1.26 -8.54 -0.79
O12 MYC C . 3.70 -7.29 1.63
O13 MYC C . 6.48 -8.26 -1.03
O23 MYC C . -0.74 -9.28 -1.90
O24 MYC C . -2.29 -8.12 0.06
O25 MYC C . -1.13 -7.04 2.25
O27 MYC C . 4.05 -8.78 -1.72
O29 MYC C . 6.92 -5.57 4.75
O30 MYC C . 8.27 -6.58 0.29
H1 MYC C . 8.49 -5.54 2.63
H5 MYC C . 4.52 -6.02 3.83
H15 MYC C . 1.46 -6.91 2.20
H19 MYC C . 1.82 -8.98 -1.61
HO3 MYC C . -1.53 -8.81 -2.13
HO4 MYC C . -2.56 -7.66 -0.72
HO5 MYC C . -2.01 -7.06 1.90
HO7 MYC C . 4.95 -8.69 -1.98
HO9 MYC C . 7.71 -5.99 5.07
HO0 MYC C . 8.45 -5.67 0.10
C1 MYC D . -7.06 6.27 -3.67
C2 MYC D . -7.13 6.47 -2.29
C3 MYC D . -5.95 6.61 -1.55
C4 MYC D . -4.73 6.50 -2.22
C5 MYC D . -4.67 6.17 -3.56
C6 MYC D . -5.84 6.08 -4.31
C9 MYC D . -5.91 6.98 -0.14
C10 MYC D . -4.60 7.35 0.48
C11 MYC D . -3.49 7.23 -0.27
C14 MYC D . -2.11 7.63 0.12
C15 MYC D . -1.19 7.99 -0.87
C16 MYC D . 0.07 8.46 -0.54
C17 MYC D . 0.45 8.53 0.78
C18 MYC D . -0.41 8.13 1.77
C19 MYC D . -1.70 7.69 1.46
O12 MYC D . -3.54 6.75 -1.55
O13 MYC D . -6.88 7.03 0.57
O23 MYC D . 0.07 8.18 3.06
O24 MYC D . 1.71 9.00 1.08
O25 MYC D . 0.99 8.86 -1.49
O27 MYC D . -4.65 7.81 1.77
O29 MYC D . -5.77 5.88 -5.67
O30 MYC D . -8.38 6.64 -1.69
H1 MYC D . -7.96 6.38 -4.26
H5 MYC D . -3.69 6.06 -4.00
H15 MYC D . -1.46 7.95 -1.93
H19 MYC D . -2.37 7.39 2.25
HO3 MYC D . 1.01 8.24 2.99
HO4 MYC D . 1.62 9.81 1.57
HO5 MYC D . 1.71 9.24 -1.01
HO7 MYC D . -5.50 7.40 1.84
HO9 MYC D . -4.97 6.26 -6.01
HO0 MYC D . -8.26 6.73 -0.76
C1 MYC C . 7.58 -6.11 2.51
C2 MYC C . 7.30 -6.66 1.27
C3 MYC C . 6.04 -7.17 1.02
C4 MYC C . 5.02 -6.96 1.95
C5 MYC C . 5.30 -6.37 3.17
C6 MYC C . 6.61 -6.08 3.51
C9 MYC C . 5.69 -7.86 -0.22
C10 MYC C . 4.27 -8.16 -0.51
C11 MYC C . 3.35 -7.82 0.41
C14 MYC C . 1.88 -7.94 0.31
C15 MYC C . 1.08 -7.42 1.32
C16 MYC C . -0.31 -7.49 1.24
C17 MYC C . -0.90 -8.05 0.12
C18 MYC C . -0.13 -8.60 -0.88
C19 MYC C . 1.27 -8.54 -0.79
O12 MYC C . 3.71 -7.29 1.62
O13 MYC C . 6.48 -8.26 -1.03
O23 MYC C . -0.74 -9.28 -1.90
O24 MYC C . -2.29 -8.13 0.05
O25 MYC C . -1.12 -7.05 2.25
O27 MYC C . 4.05 -8.77 -1.73
O29 MYC C . 6.92 -5.58 4.76
O30 MYC C . 8.28 -6.58 0.30
H1 MYC C . 8.49 -5.55 2.64
H5 MYC C . 4.52 -6.02 3.83
H15 MYC C . 1.48 -6.91 2.19
H19 MYC C . 1.82 -8.98 -1.61
HO3 MYC C . -1.53 -8.81 -2.13
HO4 MYC C . -2.56 -7.66 -0.72
HO5 MYC C . -2.01 -7.07 1.90
HO7 MYC C . 4.96 -8.68 -1.99
HO9 MYC C . 7.71 -6.00 5.08
HO0 MYC C . 8.44 -5.66 0.12
C1 MYC D . -7.08 6.28 -3.67
C2 MYC D . -7.14 6.48 -2.28
C3 MYC D . -5.96 6.62 -1.56
C4 MYC D . -4.74 6.54 -2.23
C5 MYC D . -4.69 6.19 -3.57
C6 MYC D . -5.85 6.09 -4.31
C9 MYC D . -5.91 6.99 -0.14
C10 MYC D . -4.61 7.36 0.48
C11 MYC D . -3.49 7.25 -0.27
C14 MYC D . -2.11 7.63 0.12
C15 MYC D . -1.19 7.99 -0.88
C16 MYC D . 0.07 8.46 -0.54
C17 MYC D . 0.45 8.53 0.78
C18 MYC D . -0.41 8.13 1.77
C19 MYC D . -1.70 7.69 1.45
O12 MYC D . -3.55 6.78 -1.55
O13 MYC D . -6.89 7.03 0.56
O23 MYC D . 0.07 8.17 3.06
O24 MYC D . 1.72 9.00 1.09
O25 MYC D . 0.99 8.86 -1.49
O27 MYC D . -4.65 7.81 1.77
O29 MYC D . -5.79 5.88 -5.67
O30 MYC D . -8.39 6.63 -1.68
H1 MYC D . -7.97 6.37 -4.27
H5 MYC D . -3.71 6.09 -4.01
H15 MYC D . -1.46 7.96 -1.92
H19 MYC D . -2.37 7.39 2.25
HO3 MYC D . 1.01 8.24 2.99
HO4 MYC D . 1.63 9.81 1.57
HO5 MYC D . 1.71 9.24 -1.01
HO7 MYC D . -5.49 7.37 1.84
HO9 MYC D . -4.98 6.25 -6.02
HO0 MYC D . -8.26 6.73 -0.76
C1 MYC C . 7.57 -6.13 2.52
C2 MYC C . 7.31 -6.66 1.27
C3 MYC C . 6.04 -7.18 1.02
C4 MYC C . 5.02 -6.96 1.95
C5 MYC C . 5.30 -6.37 3.18
C6 MYC C . 6.61 -6.08 3.51
C9 MYC C . 5.70 -7.86 -0.22
C10 MYC C . 4.28 -8.16 -0.52
C11 MYC C . 3.36 -7.82 0.42
C14 MYC C . 1.89 -7.94 0.31
C15 MYC C . 1.08 -7.42 1.32
C16 MYC C . -0.31 -7.49 1.24
C17 MYC C . -0.90 -8.05 0.12
C18 MYC C . -0.11 -8.59 -0.88
C19 MYC C . 1.27 -8.55 -0.80
O12 MYC C . 3.71 -7.29 1.62
O13 MYC C . 6.49 -8.25 -1.03
O23 MYC C . -0.73 -9.28 -1.91
O24 MYC C . -2.27 -8.14 0.05
O25 MYC C . -1.12 -7.05 2.25
O27 MYC C . 4.06 -8.76 -1.73
O29 MYC C . 6.92 -5.58 4.76
O30 MYC C . 8.28 -6.57 0.30
H1 MYC C . 8.49 -5.55 2.65
H5 MYC C . 4.53 -6.02 3.84
H15 MYC C . 1.48 -6.91 2.18
H19 MYC C . 1.83 -8.98 -1.61
HO3 MYC C . -1.53 -8.81 -2.13
HO4 MYC C . -2.55 -7.66 -0.71
HO5 MYC C . -2.00 -7.07 1.90
HO7 MYC C . 4.96 -8.68 -1.99
HO9 MYC C . 7.72 -6.00 5.08
HO0 MYC C . 8.45 -5.65 0.12
C1 MYC D . -7.09 6.28 -3.67
C2 MYC D . -7.15 6.48 -2.29
C3 MYC D . -5.97 6.65 -1.56
C4 MYC D . -4.75 6.56 -2.24
C5 MYC D . -4.70 6.21 -3.58
C6 MYC D . -5.86 6.10 -4.30
C9 MYC D . -5.92 7.00 -0.15
C10 MYC D . -4.62 7.37 0.48
C11 MYC D . -3.50 7.26 -0.28
C14 MYC D . -2.12 7.64 0.12
C15 MYC D . -1.19 8.00 -0.88
C16 MYC D . 0.07 8.46 -0.54
C17 MYC D . 0.45 8.53 0.78
C18 MYC D . -0.41 8.12 1.78
C19 MYC D . -1.70 7.69 1.45
O12 MYC D . -3.56 6.82 -1.56
O13 MYC D . -6.89 7.04 0.57
O23 MYC D . 0.07 8.17 3.06
O24 MYC D . 1.72 9.00 1.09
O25 MYC D . 0.99 8.86 -1.49
O27 MYC D . -4.65 7.81 1.77
O29 MYC D . -5.80 5.87 -5.68
O30 MYC D . -8.40 6.63 -1.68
H1 MYC D . -7.98 6.36 -4.26
H5 MYC D . -3.72 6.11 -4.01
H15 MYC D . -1.44 7.96 -1.93
H19 MYC D . -2.37 7.39 2.25
HO3 MYC D . 1.01 8.24 2.99
HO4 MYC D . 1.63 9.81 1.57
HO5 MYC D . 1.72 9.24 -1.01
HO7 MYC D . -5.49 7.36 1.85
HO9 MYC D . -4.99 6.24 -6.02
HO0 MYC D . -8.26 6.72 -0.75
#